data_2HQ3
#
_entry.id   2HQ3
#
_entity_poly.entity_id   1
_entity_poly.type   'polypeptide(L)'
_entity_poly.pdbx_seq_one_letter_code
;MDKEDVAQSIVPQDMTPETLGHYCQMNLLEHPGPKAQIFLEGSPAPLFFSQVRDAIAYARGPEQIAPILVIYVNDMGAAG
ATWDQPGDGNWIAADKAFYVVGSARRGGMGAPEAVPFSSRDEAAAFVLAEGGQVLALADITDAMVLTPVETGSEPRADDE
DYLGRLRALPHPAGG
;
_entity_poly.pdbx_strand_id   A
#
# COMPACT_ATOMS: atom_id res chain seq x y z
N LYS A 35 5.42 3.97 9.58
CA LYS A 35 6.61 3.14 9.37
C LYS A 35 6.23 1.81 8.77
N ALA A 36 7.14 1.16 8.06
CA ALA A 36 6.84 -0.13 7.45
C ALA A 36 7.99 -1.10 7.64
N GLN A 37 7.65 -2.37 7.81
CA GLN A 37 8.64 -3.43 7.93
C GLN A 37 8.10 -4.73 7.37
N ILE A 38 8.90 -5.43 6.59
CA ILE A 38 8.46 -6.69 6.00
C ILE A 38 9.29 -7.85 6.50
N PHE A 39 8.62 -8.93 6.84
CA PHE A 39 9.29 -10.14 7.27
C PHE A 39 9.25 -11.16 6.14
N LEU A 40 10.41 -11.60 5.72
CA LEU A 40 10.53 -12.51 4.61
C LEU A 40 10.49 -13.95 5.05
N GLU A 41 9.92 -14.80 4.25
CA GLU A 41 9.84 -16.21 4.52
C GLU A 41 11.19 -16.84 4.33
N GLY A 42 11.67 -17.52 5.35
CA GLY A 42 12.97 -18.12 5.28
C GLY A 42 14.04 -17.18 5.77
N SER A 43 13.82 -15.92 5.68
CA SER A 43 14.75 -14.93 6.17
C SER A 43 14.41 -14.56 7.59
N PRO A 44 15.36 -14.65 8.50
CA PRO A 44 15.17 -14.36 9.89
C PRO A 44 15.23 -12.88 10.20
N ALA A 45 15.43 -12.08 9.20
CA ALA A 45 15.54 -10.66 9.38
C ALA A 45 14.46 -9.92 8.62
N PRO A 46 13.83 -8.95 9.27
CA PRO A 46 12.83 -8.10 8.66
C PRO A 46 13.45 -6.85 8.05
N LEU A 47 12.89 -6.40 6.99
CA LEU A 47 13.32 -5.18 6.34
C LEU A 47 12.47 -4.04 6.81
N PHE A 48 13.04 -3.10 7.53
CA PHE A 48 12.29 -1.99 8.05
C PHE A 48 12.69 -0.69 7.41
N PHE A 49 11.73 0.16 7.14
CA PHE A 49 11.97 1.45 6.56
C PHE A 49 10.97 2.45 7.09
N SER A 50 11.39 3.69 7.27
CA SER A 50 10.52 4.74 7.75
C SER A 50 9.39 4.99 6.78
N GLN A 51 9.71 5.01 5.51
CA GLN A 51 8.74 5.24 4.46
C GLN A 51 7.90 4.00 4.23
N VAL A 52 6.61 4.08 4.53
CA VAL A 52 5.72 2.95 4.33
C VAL A 52 5.65 2.59 2.86
N ARG A 53 5.40 3.60 2.05
CA ARG A 53 5.30 3.44 0.61
C ARG A 53 6.53 2.78 -0.01
N ASP A 54 7.69 3.02 0.57
CA ASP A 54 8.94 2.48 0.05
C ASP A 54 9.05 1.00 0.37
N ALA A 55 8.83 0.66 1.63
CA ALA A 55 8.95 -0.73 2.07
C ALA A 55 7.87 -1.60 1.46
N ILE A 56 6.66 -1.06 1.34
CA ILE A 56 5.56 -1.80 0.74
C ILE A 56 5.83 -2.03 -0.75
N ALA A 57 6.52 -1.07 -1.38
CA ALA A 57 6.93 -1.22 -2.76
C ALA A 57 7.90 -2.38 -2.90
N TYR A 58 8.84 -2.47 -1.97
CA TYR A 58 9.82 -3.56 -1.95
C TYR A 58 9.13 -4.90 -1.84
N ALA A 59 8.08 -4.95 -1.05
CA ALA A 59 7.34 -6.18 -0.81
C ALA A 59 6.64 -6.67 -2.07
N ARG A 60 6.47 -5.79 -3.04
CA ARG A 60 5.72 -6.13 -4.23
C ARG A 60 6.62 -6.52 -5.38
N GLY A 61 7.91 -6.65 -5.13
CA GLY A 61 8.82 -6.98 -6.20
C GLY A 61 10.23 -7.11 -5.81
N PRO A 62 10.86 -6.03 -5.43
CA PRO A 62 12.24 -6.02 -5.03
C PRO A 62 12.56 -6.92 -3.92
N GLU A 63 11.84 -7.60 -3.38
CA GLU A 63 12.12 -8.51 -2.35
C GLU A 63 12.95 -9.35 -2.70
N GLN A 64 13.71 -9.77 -2.84
CA GLN A 64 14.57 -10.50 -3.23
C GLN A 64 15.10 -11.65 -3.13
N ILE A 65 15.20 -12.21 -2.50
CA ILE A 65 15.70 -13.33 -2.33
C ILE A 65 14.74 -14.21 -1.64
N ALA A 66 13.94 -13.74 -0.82
CA ALA A 66 12.97 -14.48 -0.10
C ALA A 66 11.62 -13.82 -0.26
N PRO A 67 10.56 -14.61 -0.26
CA PRO A 67 9.20 -14.08 -0.38
C PRO A 67 8.74 -13.41 0.90
N ILE A 68 7.79 -12.53 0.79
CA ILE A 68 7.24 -11.86 1.94
C ILE A 68 6.30 -12.78 2.69
N LEU A 69 6.56 -13.02 3.94
CA LEU A 69 5.72 -13.85 4.77
C LEU A 69 4.61 -12.99 5.35
N VAL A 70 5.01 -11.88 5.93
CA VAL A 70 4.07 -10.93 6.49
C VAL A 70 4.73 -9.56 6.62
N ILE A 71 3.97 -8.53 6.33
CA ILE A 71 4.46 -7.17 6.44
C ILE A 71 3.71 -6.44 7.54
N TYR A 72 4.45 -5.77 8.40
CA TYR A 72 3.87 -5.00 9.47
C TYR A 72 4.12 -3.53 9.22
N VAL A 73 3.10 -2.73 9.37
CA VAL A 73 3.24 -1.30 9.19
C VAL A 73 2.68 -0.56 10.39
N ASN A 74 3.27 0.56 10.69
CA ASN A 74 2.74 1.43 11.69
C ASN A 74 1.75 2.36 11.03
N ASP A 75 0.48 2.05 11.26
CA ASP A 75 -0.63 2.79 10.72
C ASP A 75 -0.52 4.24 11.10
N MET A 76 -0.26 5.01 10.16
CA MET A 76 -0.06 6.40 10.34
C MET A 76 -0.28 7.09 9.22
N GLY A 77 -0.85 7.31 8.91
CA GLY A 77 -1.06 7.96 7.84
C GLY A 77 -1.78 8.48 7.28
N ALA A 78 -1.69 8.81 7.57
CA ALA A 78 -2.36 9.27 7.12
C ALA A 78 -2.21 10.27 6.15
N ALA A 79 -2.41 10.36 5.55
CA ALA A 79 -2.24 11.28 4.62
C ALA A 79 -1.28 11.34 3.98
N GLY A 80 -0.78 10.66 4.40
CA GLY A 80 0.17 10.63 3.85
C GLY A 80 0.99 9.69 3.86
N ALA A 81 1.31 9.36 4.80
CA ALA A 81 2.12 8.47 4.92
C ALA A 81 3.25 8.68 4.19
N THR A 82 3.64 9.73 4.44
CA THR A 82 4.68 10.08 3.78
C THR A 82 5.68 9.74 4.46
N TRP A 83 6.75 9.96 3.92
CA TRP A 83 7.77 9.75 4.51
C TRP A 83 7.76 10.48 5.69
N ASP A 84 7.16 11.43 5.73
CA ASP A 84 7.02 12.17 6.83
C ASP A 84 6.03 11.76 7.79
N GLN A 85 5.17 11.27 7.30
CA GLN A 85 4.18 10.76 8.05
C GLN A 85 3.37 11.48 8.89
N PRO A 86 2.30 11.10 9.28
CA PRO A 86 1.50 11.69 10.14
C PRO A 86 1.75 11.59 11.56
N GLY A 87 2.46 10.76 11.96
CA GLY A 87 2.74 10.57 13.27
C GLY A 87 2.62 9.26 13.71
N ASP A 88 2.54 8.85 14.56
CA ASP A 88 2.39 7.61 15.06
C ASP A 88 1.55 6.91 15.13
N GLY A 89 1.38 5.91 15.06
CA GLY A 89 0.61 5.21 15.07
C GLY A 89 0.36 3.84 15.58
N ASN A 90 -0.50 3.14 14.97
CA ASN A 90 -0.84 1.80 15.37
C ASN A 90 -0.09 0.78 14.59
N TRP A 91 0.21 -0.36 15.13
CA TRP A 91 0.94 -1.35 14.39
C TRP A 91 0.00 -2.43 13.90
N ILE A 92 0.08 -2.72 12.63
CA ILE A 92 -0.82 -3.67 11.99
C ILE A 92 -0.09 -4.49 10.94
N ALA A 93 -0.69 -5.60 10.55
CA ALA A 93 -0.19 -6.39 9.45
C ALA A 93 -0.75 -5.86 8.15
N ALA A 94 0.09 -5.21 7.36
CA ALA A 94 -0.34 -4.56 6.14
C ALA A 94 -0.87 -5.54 5.12
N ASP A 95 -0.27 -6.72 5.09
CA ASP A 95 -0.68 -7.77 4.17
C ASP A 95 -2.09 -8.22 4.47
N LYS A 96 -2.49 -8.00 5.69
CA LYS A 96 -3.82 -8.36 6.16
C LYS A 96 -4.63 -7.11 6.46
N ALA A 97 -4.41 -6.05 5.71
CA ALA A 97 -5.02 -4.77 6.02
C ALA A 97 -5.62 -4.14 4.78
N PHE A 98 -6.20 -2.97 4.96
CA PHE A 98 -6.84 -2.27 3.86
C PHE A 98 -5.88 -1.30 3.22
N TYR A 99 -5.89 -1.28 1.91
CA TYR A 99 -5.04 -0.42 1.14
C TYR A 99 -5.88 0.49 0.28
N VAL A 100 -5.53 1.76 0.23
CA VAL A 100 -6.16 2.68 -0.69
C VAL A 100 -5.16 3.16 -1.71
N VAL A 101 -5.50 2.96 -2.96
CA VAL A 101 -4.69 3.41 -4.06
C VAL A 101 -5.33 4.66 -4.63
N GLY A 102 -4.67 5.79 -4.46
CA GLY A 102 -5.24 7.05 -4.87
C GLY A 102 -5.18 7.25 -6.36
N SER A 103 -6.31 7.53 -6.95
CA SER A 103 -6.39 7.81 -8.36
C SER A 103 -6.25 9.29 -8.63
N ALA A 104 -6.69 10.10 -7.68
CA ALA A 104 -6.67 11.52 -7.86
C ALA A 104 -5.31 12.10 -7.57
N ARG A 105 -4.69 11.65 -6.52
CA ARG A 105 -3.37 12.09 -6.15
C ARG A 105 -2.48 10.96 -5.95
N ARG A 106 -1.74 10.47 -6.29
CA ARG A 106 -0.82 9.41 -6.12
C ARG A 106 0.23 9.35 -7.10
N GLY A 107 0.72 8.78 -7.65
CA GLY A 107 1.73 8.68 -8.60
C GLY A 107 1.44 8.39 -9.79
N GLY A 108 0.68 7.98 -10.06
CA GLY A 108 0.36 7.68 -11.18
C GLY A 108 1.33 7.65 -12.21
N MET A 109 1.88 8.61 -12.56
CA MET A 109 2.88 8.71 -13.51
C MET A 109 4.14 8.76 -13.01
N GLY A 110 4.13 8.66 -11.91
CA GLY A 110 5.27 8.69 -11.32
C GLY A 110 5.39 7.59 -10.39
N ALA A 111 5.61 7.85 -9.16
CA ALA A 111 5.70 6.88 -8.17
C ALA A 111 4.50 6.84 -7.30
N PRO A 112 3.65 5.92 -7.55
CA PRO A 112 2.47 5.74 -6.78
C PRO A 112 2.72 5.35 -5.35
N GLU A 113 1.95 5.90 -4.47
CA GLU A 113 2.07 5.64 -3.06
C GLU A 113 0.81 4.99 -2.53
N ALA A 114 0.97 3.98 -1.72
CA ALA A 114 -0.16 3.25 -1.18
C ALA A 114 -0.38 3.62 0.27
N VAL A 115 -1.60 3.93 0.63
CA VAL A 115 -1.91 4.19 2.01
C VAL A 115 -2.55 2.97 2.64
N PRO A 116 -1.81 2.24 3.47
CA PRO A 116 -2.30 1.08 4.20
C PRO A 116 -2.93 1.46 5.54
N PHE A 117 -4.16 1.07 5.74
CA PHE A 117 -4.88 1.38 6.97
C PHE A 117 -5.47 0.12 7.57
N SER A 118 -5.60 0.10 8.88
CA SER A 118 -6.24 -1.00 9.55
C SER A 118 -7.75 -0.86 9.48
N SER A 119 -8.21 0.37 9.43
CA SER A 119 -9.62 0.65 9.36
C SER A 119 -10.03 0.93 7.93
N ARG A 120 -10.99 0.15 7.43
CA ARG A 120 -11.48 0.30 6.08
C ARG A 120 -12.10 1.66 5.86
N ASP A 121 -12.91 2.07 6.80
CA ASP A 121 -13.68 3.30 6.67
C ASP A 121 -12.76 4.50 6.58
N GLU A 122 -11.60 4.39 7.22
CA GLU A 122 -10.59 5.43 7.12
C GLU A 122 -10.03 5.49 5.72
N ALA A 123 -9.80 4.33 5.13
CA ALA A 123 -9.29 4.24 3.77
C ALA A 123 -10.35 4.75 2.79
N ALA A 124 -11.59 4.45 3.10
CA ALA A 124 -12.71 4.90 2.29
C ALA A 124 -12.86 6.41 2.37
N ALA A 125 -12.65 6.96 3.57
CA ALA A 125 -12.70 8.40 3.77
C ALA A 125 -11.63 9.09 2.95
N PHE A 126 -10.49 8.45 2.81
CA PHE A 126 -9.43 8.97 1.97
C PHE A 126 -9.90 9.05 0.52
N VAL A 127 -10.65 8.05 0.09
CA VAL A 127 -11.22 8.02 -1.24
C VAL A 127 -12.31 9.05 -1.38
N LEU A 128 -13.03 9.28 -0.31
CA LEU A 128 -14.07 10.29 -0.27
C LEU A 128 -13.50 11.64 -0.63
N ALA A 129 -12.33 11.93 -0.13
CA ALA A 129 -11.65 13.17 -0.42
C ALA A 129 -10.95 13.09 -1.76
N GLU A 130 -10.22 12.01 -1.98
CA GLU A 130 -9.48 11.80 -3.20
C GLU A 130 -9.28 10.33 -3.49
N GLY A 131 -8.47 9.70 -2.83
CA GLY A 131 -8.23 8.28 -2.94
C GLY A 131 -8.58 7.69 -4.23
N GLY A 132 -8.92 6.51 -4.39
CA GLY A 132 -9.28 5.84 -5.58
C GLY A 132 -10.07 4.60 -5.30
N GLN A 133 -9.38 3.51 -5.01
CA GLN A 133 -10.03 2.27 -4.67
C GLN A 133 -9.46 1.70 -3.38
N VAL A 134 -10.32 1.11 -2.58
CA VAL A 134 -9.90 0.46 -1.35
C VAL A 134 -9.87 -1.04 -1.54
N LEU A 135 -8.70 -1.61 -1.44
CA LEU A 135 -8.49 -3.04 -1.63
C LEU A 135 -7.50 -3.55 -0.62
N ALA A 136 -7.48 -4.85 -0.40
CA ALA A 136 -6.56 -5.45 0.55
C ALA A 136 -5.25 -5.73 -0.13
N LEU A 137 -4.22 -5.98 0.65
CA LEU A 137 -2.91 -6.29 0.10
C LEU A 137 -2.99 -7.57 -0.70
N ALA A 138 -3.83 -8.47 -0.26
CA ALA A 138 -4.06 -9.71 -0.96
C ALA A 138 -4.81 -9.49 -2.26
N ASP A 139 -5.38 -8.31 -2.41
CA ASP A 139 -6.21 -7.99 -3.55
C ASP A 139 -5.61 -6.86 -4.36
N ILE A 140 -4.33 -6.60 -4.15
CA ILE A 140 -3.65 -5.55 -4.87
C ILE A 140 -3.44 -5.95 -6.31
N THR A 141 -3.97 -5.17 -7.20
CA THR A 141 -3.76 -5.41 -8.61
C THR A 141 -2.94 -4.28 -9.20
N ASP A 142 -2.14 -4.61 -10.19
CA ASP A 142 -1.28 -3.62 -10.82
C ASP A 142 -2.08 -2.63 -11.62
N ALA A 143 -3.21 -3.06 -12.11
CA ALA A 143 -4.05 -2.23 -12.93
C ALA A 143 -4.55 -1.01 -12.17
N MET A 144 -4.68 -1.14 -10.86
CA MET A 144 -5.15 -0.05 -10.04
C MET A 144 -4.03 0.89 -9.70
N VAL A 145 -2.84 0.36 -9.55
CA VAL A 145 -1.73 1.15 -9.10
C VAL A 145 -1.08 1.85 -10.26
N LEU A 146 -1.26 1.34 -11.44
CA LEU A 146 -0.63 1.87 -12.61
C LEU A 146 -1.41 1.55 -13.84
N THR A 147 -1.50 2.47 -14.71
CA THR A 147 -2.20 2.26 -15.91
C THR A 147 -1.28 2.14 -17.04
N PRO A 148 -1.42 1.09 -17.76
CA PRO A 148 -0.64 0.88 -18.90
C PRO A 148 -0.94 1.84 -19.94
N VAL A 149 -1.97 1.77 -20.44
CA VAL A 149 -2.40 2.63 -21.37
C VAL A 149 -3.69 3.02 -21.07
N GLU A 150 -4.24 2.66 -20.13
CA GLU A 150 -5.54 2.86 -19.77
C GLU A 150 -6.41 2.17 -20.67
N THR A 151 -6.47 2.07 -21.57
CA THR A 151 -7.22 1.44 -22.53
C THR A 151 -8.33 0.89 -22.02
N GLY A 152 -8.64 0.92 -20.89
CA GLY A 152 -9.65 0.41 -20.33
C GLY A 152 -10.01 -0.72 -19.94
N SER A 153 -9.25 -1.23 -19.30
CA SER A 153 -9.48 -2.31 -18.87
C SER A 153 -9.87 -2.31 -17.53
N GLU A 154 -10.63 -3.13 -17.22
CA GLU A 154 -11.06 -3.23 -15.97
C GLU A 154 -10.05 -3.59 -14.99
N PRO A 155 -9.96 -3.01 -13.88
CA PRO A 155 -9.00 -3.22 -12.89
C PRO A 155 -9.00 -4.51 -12.35
N ARG A 156 -9.67 -4.90 -11.73
CA ARG A 156 -9.76 -6.11 -11.21
C ARG A 156 -10.83 -6.82 -11.83
N ALA A 157 -11.88 -6.25 -11.97
CA ALA A 157 -13.00 -6.79 -12.53
C ALA A 157 -13.93 -5.80 -12.73
N ASP A 158 -13.84 -4.99 -12.93
CA ASP A 158 -14.61 -3.95 -12.98
C ASP A 158 -15.10 -3.81 -11.75
N ASP A 159 -14.62 -3.85 -10.84
CA ASP A 159 -14.94 -3.87 -9.58
C ASP A 159 -14.79 -2.93 -8.91
N GLU A 160 -14.28 -2.43 -8.42
CA GLU A 160 -14.05 -1.54 -7.76
C GLU A 160 -14.16 -0.95 -8.00
#